data_4JHJ
#
_entry.id   4JHJ
#
_cell.length_a   85.185
_cell.length_b   85.185
_cell.length_c   258.266
_cell.angle_alpha   90.00
_cell.angle_beta   90.00
_cell.angle_gamma   120.00
#
_symmetry.space_group_name_H-M   'P 61'
#
loop_
_entity.id
_entity.type
_entity.pdbx_description
1 polymer 'MIF4G domain-containing protein B'
2 polymer 'DEAD/H (Asp-Glu-Ala-Asp/His) box polypeptide 19 (DBP5 homolog, yeast)'
3 water water
#
loop_
_entity_poly.entity_id
_entity_poly.type
_entity_poly.pdbx_seq_one_letter_code
_entity_poly.pdbx_strand_id
1 'polypeptide(L)'
;MENSSKEDYKIQSFDLETQKLLKTALKDPGSVDLEKVSSVIVDQSLKDQVFSREAGRICYTIVQAEAKQTNGSVFRRNLL
NRLQQEFKAREETRKRSTQEWVCLVSFICNIFDYLKVNNMPMVALVHPVYDCLFRLAQSDALKNEEEVDCLVLQLHRIGD
QLEKMNVQLMDELFNLLRDGFLLQEDLSSMGRLLLLEILEFRAGGWKLSDTAQKYYYSEVTD
;
A,B
2 'polypeptide(L)' MATDSWAQAVDEQEAAAESISTLQISEKEEKP C,D
#
# COMPACT_ATOMS: atom_id res chain seq x y z
N GLU A 7 -12.03 9.14 26.62
CA GLU A 7 -11.45 9.65 27.90
C GLU A 7 -10.97 8.54 28.83
N ASP A 8 -11.62 7.39 28.77
CA ASP A 8 -11.18 6.20 29.49
C ASP A 8 -10.19 5.43 28.63
N TYR A 9 -8.97 5.26 29.15
CA TYR A 9 -7.91 4.62 28.38
C TYR A 9 -7.49 3.25 28.94
N LYS A 10 -7.92 2.94 30.16
CA LYS A 10 -7.60 1.66 30.83
C LYS A 10 -6.10 1.59 31.18
N ILE A 11 -5.58 2.70 31.69
CA ILE A 11 -4.16 2.84 32.02
C ILE A 11 -3.81 2.07 33.30
N GLN A 12 -4.83 1.83 34.12
CA GLN A 12 -4.68 1.32 35.50
C GLN A 12 -3.96 -0.02 35.66
N SER A 13 -3.82 -0.76 34.57
CA SER A 13 -3.14 -2.05 34.60
C SER A 13 -1.62 -1.90 34.76
N PHE A 14 -1.11 -0.73 34.44
CA PHE A 14 0.33 -0.49 34.41
C PHE A 14 0.94 -0.17 35.76
N ASP A 15 2.26 -0.33 35.82
CA ASP A 15 3.07 0.18 36.92
C ASP A 15 2.84 1.69 37.05
N LEU A 16 2.83 2.17 38.29
CA LEU A 16 2.54 3.59 38.59
C LEU A 16 3.43 4.59 37.85
N GLU A 17 4.73 4.31 37.78
CA GLU A 17 5.67 5.20 37.08
C GLU A 17 5.59 5.04 35.57
N THR A 18 5.05 3.92 35.10
CA THR A 18 4.80 3.69 33.68
C THR A 18 3.49 4.37 33.26
N GLN A 19 2.57 4.50 34.22
CA GLN A 19 1.34 5.25 34.01
C GLN A 19 1.67 6.69 33.66
N LYS A 20 2.62 7.28 34.40
CA LYS A 20 3.04 8.65 34.16
C LYS A 20 3.68 8.80 32.79
N LEU A 21 4.44 7.79 32.38
CA LEU A 21 5.09 7.76 31.06
C LEU A 21 4.07 7.90 29.94
N LEU A 22 2.98 7.14 30.05
CA LEU A 22 1.93 7.15 29.04
C LEU A 22 1.08 8.41 29.13
N LYS A 23 0.83 8.88 30.34
CA LYS A 23 0.04 10.09 30.57
C LYS A 23 0.71 11.34 30.00
N THR A 24 2.02 11.44 30.20
CA THR A 24 2.81 12.57 29.70
C THR A 24 3.18 12.39 28.22
N ALA A 25 2.99 11.19 27.70
CA ALA A 25 3.19 10.92 26.27
C ALA A 25 2.03 11.46 25.44
N LEU A 26 0.84 11.46 26.04
CA LEU A 26 -0.35 12.02 25.41
C LEU A 26 -0.30 13.55 25.36
N LYS A 27 0.47 14.16 26.26
CA LYS A 27 0.64 15.62 26.28
C LYS A 27 1.89 16.16 25.58
N ASP A 28 3.03 15.52 25.82
CA ASP A 28 4.31 15.91 25.21
C ASP A 28 5.10 14.69 24.70
N PRO A 29 4.81 14.25 23.47
CA PRO A 29 5.54 13.14 22.86
C PRO A 29 7.00 13.51 22.48
N GLY A 30 7.25 14.79 22.24
CA GLY A 30 8.61 15.25 21.91
C GLY A 30 9.61 14.99 23.02
N SER A 31 9.19 15.20 24.26
CA SER A 31 10.06 15.07 25.43
C SER A 31 10.35 13.62 25.82
N VAL A 32 9.33 12.77 25.76
CA VAL A 32 9.42 11.38 26.20
C VAL A 32 10.02 10.47 25.12
N ASP A 33 10.67 9.38 25.55
CA ASP A 33 11.20 8.37 24.64
C ASP A 33 10.07 7.58 23.98
N LEU A 34 9.86 7.84 22.70
CA LEU A 34 8.72 7.27 21.98
C LEU A 34 8.91 5.81 21.61
N GLU A 35 10.16 5.38 21.54
CA GLU A 35 10.49 3.99 21.26
C GLU A 35 10.06 3.11 22.43
N LYS A 36 10.37 3.55 23.65
CA LYS A 36 9.99 2.82 24.87
C LYS A 36 8.49 2.86 25.11
N VAL A 37 7.86 4.01 24.83
CA VAL A 37 6.40 4.15 24.91
C VAL A 37 5.72 3.08 24.04
N SER A 38 6.21 2.92 22.81
CA SER A 38 5.65 1.95 21.87
C SER A 38 5.83 0.52 22.37
N SER A 39 7.04 0.18 22.82
CA SER A 39 7.35 -1.18 23.26
C SER A 39 6.55 -1.57 24.49
N VAL A 40 6.41 -0.64 25.43
CA VAL A 40 5.64 -0.86 26.66
C VAL A 40 4.18 -1.15 26.33
N ILE A 41 3.63 -0.42 25.37
CA ILE A 41 2.28 -0.65 24.89
C ILE A 41 2.14 -2.06 24.33
N VAL A 42 3.03 -2.43 23.41
CA VAL A 42 3.02 -3.75 22.78
C VAL A 42 3.18 -4.87 23.81
N ASP A 43 4.06 -4.65 24.80
CA ASP A 43 4.29 -5.60 25.88
C ASP A 43 3.02 -5.97 26.61
N GLN A 44 2.32 -4.94 27.09
CA GLN A 44 1.15 -5.14 27.94
C GLN A 44 -0.04 -5.71 27.20
N SER A 45 -0.20 -5.33 25.93
CA SER A 45 -1.33 -5.77 25.11
C SER A 45 -1.22 -7.22 24.66
N LEU A 46 -0.01 -7.77 24.71
CA LEU A 46 0.20 -9.18 24.41
C LEU A 46 -0.20 -10.07 25.58
N LYS A 47 -0.23 -9.47 26.77
CA LYS A 47 -0.60 -10.18 28.00
C LYS A 47 -2.06 -9.92 28.42
N ASP A 48 -2.50 -8.67 28.25
CA ASP A 48 -3.84 -8.24 28.68
C ASP A 48 -4.75 -8.02 27.47
N GLN A 49 -5.86 -8.76 27.43
CA GLN A 49 -6.78 -8.64 26.31
C GLN A 49 -7.72 -7.44 26.47
N VAL A 50 -8.15 -7.17 27.71
CA VAL A 50 -8.98 -6.01 28.00
C VAL A 50 -8.26 -4.72 27.54
N PHE A 51 -6.94 -4.75 27.64
CA PHE A 51 -6.12 -3.65 27.16
C PHE A 51 -5.92 -3.69 25.65
N SER A 52 -5.67 -4.88 25.10
CA SER A 52 -5.35 -5.02 23.66
C SER A 52 -6.44 -4.40 22.78
N ARG A 53 -7.64 -4.29 23.32
CA ARG A 53 -8.77 -3.67 22.63
C ARG A 53 -8.73 -2.15 22.70
N GLU A 54 -8.37 -1.64 23.89
CA GLU A 54 -8.30 -0.20 24.12
C GLU A 54 -6.93 0.38 23.82
N ALA A 55 -6.00 -0.50 23.41
CA ALA A 55 -4.66 -0.08 23.04
C ALA A 55 -4.67 0.67 21.71
N GLY A 56 -5.65 0.36 20.87
CA GLY A 56 -5.85 1.09 19.61
C GLY A 56 -6.15 2.56 19.87
N ARG A 57 -7.13 2.82 20.74
CA ARG A 57 -7.49 4.16 21.18
C ARG A 57 -6.28 5.04 21.50
N ILE A 58 -5.44 4.55 22.40
CA ILE A 58 -4.31 5.34 22.93
C ILE A 58 -3.21 5.55 21.90
N CYS A 59 -2.90 4.53 21.13
CA CYS A 59 -1.90 4.64 20.07
C CYS A 59 -2.25 5.73 19.07
N TYR A 60 -3.54 5.81 18.71
CA TYR A 60 -4.02 6.82 17.78
C TYR A 60 -3.77 8.21 18.34
N THR A 61 -4.32 8.47 19.52
CA THR A 61 -4.22 9.78 20.17
C THR A 61 -2.77 10.28 20.28
N ILE A 62 -1.82 9.36 20.42
CA ILE A 62 -0.40 9.72 20.47
C ILE A 62 0.12 10.20 19.11
N VAL A 63 -0.11 9.42 18.05
CA VAL A 63 0.27 9.84 16.69
C VAL A 63 -0.43 11.14 16.34
N GLN A 64 -1.70 11.25 16.75
CA GLN A 64 -2.49 12.48 16.62
C GLN A 64 -1.76 13.66 17.25
N ALA A 65 -1.30 13.47 18.49
CA ALA A 65 -0.59 14.51 19.22
C ALA A 65 0.81 14.78 18.68
N GLU A 66 1.50 13.72 18.25
CA GLU A 66 2.89 13.83 17.77
C GLU A 66 3.00 14.60 16.46
N ALA A 67 2.12 14.29 15.51
CA ALA A 67 2.11 14.95 14.20
C ALA A 67 1.60 16.38 14.29
N LYS A 68 0.80 16.67 15.31
CA LYS A 68 0.28 18.02 15.55
C LYS A 68 1.30 18.87 16.31
N GLN A 69 2.27 18.23 16.94
CA GLN A 69 3.25 18.94 17.76
C GLN A 69 4.61 19.09 17.07
N THR A 70 5.08 18.03 16.42
CA THR A 70 6.39 18.05 15.75
C THR A 70 6.33 17.54 14.32
N ASN A 71 5.14 17.40 13.76
CA ASN A 71 5.03 17.03 12.36
C ASN A 71 5.85 15.77 12.08
N GLY A 72 5.88 14.86 13.04
CA GLY A 72 6.62 13.61 12.88
C GLY A 72 5.78 12.37 13.09
N SER A 73 6.31 11.24 12.62
CA SER A 73 5.63 9.96 12.76
C SER A 73 6.51 8.97 13.51
N VAL A 74 7.46 9.50 14.28
CA VAL A 74 8.46 8.69 14.96
C VAL A 74 7.83 7.60 15.83
N PHE A 75 6.76 7.95 16.56
CA PHE A 75 6.07 6.98 17.39
C PHE A 75 5.43 5.86 16.58
N ARG A 76 4.67 6.25 15.56
CA ARG A 76 3.95 5.30 14.71
C ARG A 76 4.88 4.21 14.13
N ARG A 77 6.05 4.63 13.65
CA ARG A 77 7.03 3.73 13.05
C ARG A 77 7.62 2.78 14.08
N ASN A 78 7.96 3.31 15.25
CA ASN A 78 8.39 2.50 16.38
C ASN A 78 7.37 1.43 16.75
N LEU A 79 6.09 1.80 16.73
CA LEU A 79 4.98 0.88 17.01
C LEU A 79 4.84 -0.22 15.94
N LEU A 80 4.88 0.19 14.67
CA LEU A 80 4.66 -0.72 13.55
C LEU A 80 5.79 -1.71 13.34
N ASN A 81 7.03 -1.24 13.47
CA ASN A 81 8.20 -2.12 13.39
C ASN A 81 8.11 -3.21 14.44
N ARG A 82 7.83 -2.77 15.67
CA ARG A 82 7.65 -3.66 16.81
C ARG A 82 6.54 -4.67 16.56
N LEU A 83 5.41 -4.20 16.03
CA LEU A 83 4.25 -5.06 15.79
C LEU A 83 4.52 -6.07 14.68
N GLN A 84 5.16 -5.62 13.61
CA GLN A 84 5.49 -6.49 12.47
C GLN A 84 6.45 -7.60 12.89
N GLN A 85 7.41 -7.23 13.72
CA GLN A 85 8.33 -8.19 14.34
C GLN A 85 7.53 -9.32 14.99
N GLU A 86 6.48 -8.96 15.74
CA GLU A 86 5.61 -9.94 16.39
C GLU A 86 4.78 -10.75 15.39
N PHE A 87 4.39 -10.09 14.31
CA PHE A 87 3.59 -10.70 13.27
C PHE A 87 4.31 -11.79 12.51
N LYS A 88 5.55 -11.53 12.20
CA LYS A 88 6.31 -12.43 11.37
C LYS A 88 6.43 -13.73 12.08
N ALA A 89 6.53 -13.63 13.38
CA ALA A 89 6.79 -14.76 14.25
C ALA A 89 5.57 -15.48 14.74
N ARG A 90 4.39 -15.10 14.31
CA ARG A 90 3.22 -15.59 14.97
C ARG A 90 3.18 -17.09 15.01
N GLU A 91 3.45 -17.73 13.90
CA GLU A 91 3.38 -19.19 13.85
C GLU A 91 4.06 -19.84 15.05
N GLU A 92 5.24 -19.32 15.41
CA GLU A 92 5.95 -19.74 16.61
C GLU A 92 5.20 -19.37 17.90
N THR A 93 4.69 -18.14 17.96
CA THR A 93 3.96 -17.65 19.14
C THR A 93 2.70 -18.48 19.37
N ARG A 94 2.14 -19.04 18.29
CA ARG A 94 0.95 -19.86 18.40
C ARG A 94 1.25 -21.10 19.24
N LYS A 95 2.23 -21.89 18.78
CA LYS A 95 2.74 -23.04 19.54
C LYS A 95 3.00 -22.69 21.01
N ARG A 96 3.82 -21.67 21.25
CA ARG A 96 4.17 -21.27 22.62
C ARG A 96 2.96 -21.22 23.56
N SER A 97 2.02 -20.30 23.30
CA SER A 97 0.83 -20.16 24.15
C SER A 97 -0.33 -19.53 23.38
N THR A 98 -1.51 -20.14 23.51
CA THR A 98 -2.71 -19.70 22.81
C THR A 98 -3.08 -18.27 23.16
N GLN A 99 -3.23 -17.99 24.45
CA GLN A 99 -3.68 -16.67 24.91
C GLN A 99 -2.82 -15.50 24.43
N GLU A 100 -1.52 -15.73 24.25
CA GLU A 100 -0.62 -14.69 23.77
C GLU A 100 -0.86 -14.44 22.28
N TRP A 101 -1.22 -15.50 21.55
CA TRP A 101 -1.46 -15.42 20.12
C TRP A 101 -2.79 -14.74 19.77
N VAL A 102 -3.83 -15.02 20.53
CA VAL A 102 -5.11 -14.35 20.32
C VAL A 102 -5.07 -12.93 20.87
N CYS A 103 -4.21 -12.69 21.85
CA CYS A 103 -3.99 -11.32 22.34
C CYS A 103 -3.30 -10.50 21.25
N LEU A 104 -2.49 -11.18 20.42
CA LEU A 104 -1.77 -10.54 19.32
C LEU A 104 -2.71 -10.13 18.20
N VAL A 105 -3.53 -11.08 17.77
CA VAL A 105 -4.54 -10.84 16.74
C VAL A 105 -5.43 -9.68 17.18
N SER A 106 -5.94 -9.77 18.41
CA SER A 106 -6.75 -8.71 18.98
C SER A 106 -6.07 -7.36 18.86
N PHE A 107 -4.78 -7.31 19.18
CA PHE A 107 -4.05 -6.06 19.12
C PHE A 107 -3.82 -5.58 17.68
N ILE A 108 -3.49 -6.49 16.77
CA ILE A 108 -3.34 -6.13 15.37
C ILE A 108 -4.64 -5.51 14.86
N CYS A 109 -5.75 -6.19 15.09
CA CYS A 109 -7.05 -5.76 14.61
C CYS A 109 -7.53 -4.45 15.22
N ASN A 110 -7.23 -4.25 16.50
CA ASN A 110 -7.63 -3.03 17.17
C ASN A 110 -6.76 -1.85 16.78
N ILE A 111 -5.56 -2.13 16.28
CA ILE A 111 -4.72 -1.09 15.68
C ILE A 111 -5.34 -0.70 14.33
N PHE A 112 -5.65 -1.70 13.51
CA PHE A 112 -6.26 -1.47 12.21
C PHE A 112 -7.55 -0.69 12.32
N ASP A 113 -8.25 -0.89 13.43
CA ASP A 113 -9.54 -0.25 13.68
C ASP A 113 -9.37 1.25 13.97
N TYR A 114 -8.60 1.57 15.01
CA TYR A 114 -8.50 2.94 15.52
C TYR A 114 -7.39 3.76 14.87
N LEU A 115 -6.21 3.16 14.72
CA LEU A 115 -5.04 3.87 14.16
C LEU A 115 -5.19 4.09 12.66
N LYS A 116 -5.47 5.33 12.29
CA LYS A 116 -5.76 5.69 10.90
C LYS A 116 -4.80 6.74 10.35
N VAL A 117 -4.63 6.71 9.04
CA VAL A 117 -3.76 7.65 8.39
C VAL A 117 -4.57 8.66 7.62
N ASN A 118 -4.52 9.90 8.05
CA ASN A 118 -5.24 10.90 7.34
C ASN A 118 -6.65 10.45 7.22
N ASN A 119 -7.14 9.81 8.26
CA ASN A 119 -8.53 9.43 8.31
C ASN A 119 -8.88 8.19 7.53
N MET A 120 -7.89 7.52 6.99
CA MET A 120 -8.13 6.26 6.28
C MET A 120 -7.34 5.06 6.86
N PRO A 121 -7.92 3.84 6.79
CA PRO A 121 -7.30 2.65 7.34
C PRO A 121 -5.99 2.32 6.61
N MET A 122 -4.99 1.92 7.38
CA MET A 122 -3.67 1.65 6.85
C MET A 122 -3.69 0.42 5.94
N VAL A 123 -3.35 0.61 4.66
CA VAL A 123 -3.38 -0.48 3.70
C VAL A 123 -2.40 -1.57 4.10
N ALA A 124 -1.26 -1.16 4.67
CA ALA A 124 -0.21 -2.06 5.06
C ALA A 124 -0.67 -3.23 5.94
N LEU A 125 -1.65 -2.99 6.82
CA LEU A 125 -2.15 -4.03 7.72
C LEU A 125 -3.32 -4.84 7.20
N VAL A 126 -3.84 -4.48 6.03
CA VAL A 126 -5.00 -5.16 5.47
C VAL A 126 -4.69 -6.64 5.23
N HIS A 127 -3.62 -6.91 4.49
CA HIS A 127 -3.23 -8.29 4.18
C HIS A 127 -2.80 -9.10 5.42
N PRO A 128 -1.98 -8.51 6.31
CA PRO A 128 -1.68 -9.11 7.61
C PRO A 128 -2.92 -9.50 8.42
N VAL A 129 -3.86 -8.58 8.61
CA VAL A 129 -5.07 -8.87 9.36
C VAL A 129 -5.80 -10.06 8.74
N TYR A 130 -5.84 -10.12 7.42
CA TYR A 130 -6.40 -11.28 6.73
C TYR A 130 -5.60 -12.56 6.93
N ASP A 131 -4.30 -12.44 7.21
CA ASP A 131 -3.46 -13.62 7.44
C ASP A 131 -3.80 -14.30 8.76
N CYS A 132 -4.11 -13.50 9.77
CA CYS A 132 -4.50 -14.01 11.09
C CYS A 132 -5.85 -14.69 11.01
N LEU A 133 -6.77 -14.06 10.29
CA LEU A 133 -8.12 -14.58 10.19
C LEU A 133 -8.13 -15.91 9.45
N PHE A 134 -7.38 -15.98 8.36
CA PHE A 134 -7.23 -17.23 7.62
C PHE A 134 -6.59 -18.34 8.46
N ARG A 135 -5.66 -17.95 9.34
CA ARG A 135 -5.03 -18.87 10.29
C ARG A 135 -6.04 -19.40 11.31
N LEU A 136 -6.85 -18.48 11.84
CA LEU A 136 -7.87 -18.81 12.82
C LEU A 136 -8.98 -19.68 12.21
N ALA A 137 -8.98 -19.77 10.89
CA ALA A 137 -10.01 -20.49 10.13
C ALA A 137 -9.63 -21.92 9.80
N GLN A 138 -8.44 -22.34 10.22
CA GLN A 138 -7.92 -23.68 9.92
C GLN A 138 -8.44 -24.74 10.89
N SER A 139 -8.69 -25.95 10.36
CA SER A 139 -9.29 -27.04 11.14
C SER A 139 -8.58 -27.35 12.46
N ASP A 140 -7.27 -27.15 12.50
CA ASP A 140 -6.53 -27.27 13.75
C ASP A 140 -6.89 -26.15 14.74
N ALA A 141 -7.30 -25.00 14.20
CA ALA A 141 -7.62 -23.82 15.00
C ALA A 141 -9.10 -23.69 15.34
N LEU A 142 -9.94 -24.41 14.60
CA LEU A 142 -11.37 -24.46 14.87
C LEU A 142 -11.72 -25.54 15.91
N LYS A 143 -10.75 -26.41 16.19
CA LYS A 143 -10.81 -27.31 17.34
C LYS A 143 -10.92 -26.44 18.57
N ASN A 144 -9.90 -25.60 18.75
CA ASN A 144 -9.74 -24.73 19.90
C ASN A 144 -10.82 -23.65 19.95
N GLU A 145 -11.61 -23.70 21.03
CA GLU A 145 -12.78 -22.86 21.21
C GLU A 145 -12.41 -21.43 21.64
N GLU A 146 -11.21 -21.26 22.19
CA GLU A 146 -10.71 -19.94 22.59
C GLU A 146 -10.30 -19.11 21.37
N GLU A 147 -9.89 -19.80 20.31
CA GLU A 147 -9.50 -19.16 19.04
C GLU A 147 -10.72 -18.67 18.26
N VAL A 148 -11.73 -19.53 18.14
CA VAL A 148 -12.99 -19.18 17.51
C VAL A 148 -13.61 -17.94 18.16
N ASP A 149 -13.56 -17.88 19.49
CA ASP A 149 -13.94 -16.68 20.24
C ASP A 149 -13.32 -15.43 19.64
N CYS A 150 -12.00 -15.44 19.51
CA CYS A 150 -11.25 -14.31 18.94
C CYS A 150 -11.53 -14.07 17.45
N LEU A 151 -11.80 -15.13 16.70
CA LEU A 151 -12.12 -15.00 15.28
C LEU A 151 -13.38 -14.16 15.02
N VAL A 152 -14.48 -14.50 15.70
CA VAL A 152 -15.74 -13.80 15.50
C VAL A 152 -15.75 -12.38 16.09
N LEU A 153 -15.03 -12.14 17.18
CA LEU A 153 -15.01 -10.79 17.74
C LEU A 153 -14.45 -9.82 16.71
N GLN A 154 -13.44 -10.24 15.99
CA GLN A 154 -12.89 -9.40 14.95
C GLN A 154 -13.82 -9.24 13.77
N LEU A 155 -14.37 -10.33 13.28
CA LEU A 155 -15.33 -10.19 12.21
C LEU A 155 -16.52 -9.34 12.63
N HIS A 156 -16.76 -9.27 13.94
CA HIS A 156 -17.78 -8.38 14.47
C HIS A 156 -17.28 -6.94 14.41
N ARG A 157 -16.15 -6.69 15.04
CA ARG A 157 -15.61 -5.36 15.09
C ARG A 157 -15.18 -4.76 13.77
N ILE A 158 -14.47 -5.48 12.92
CA ILE A 158 -13.99 -4.90 11.68
C ILE A 158 -14.39 -5.62 10.42
N GLY A 159 -15.34 -6.51 10.55
CA GLY A 159 -15.75 -7.32 9.42
C GLY A 159 -16.03 -6.46 8.21
N ASP A 160 -17.10 -5.69 8.28
CA ASP A 160 -17.50 -4.78 7.19
C ASP A 160 -16.32 -3.99 6.59
N GLN A 161 -15.47 -3.42 7.44
CA GLN A 161 -14.35 -2.60 6.99
C GLN A 161 -13.40 -3.37 6.09
N LEU A 162 -12.98 -4.55 6.54
CA LEU A 162 -12.09 -5.41 5.76
C LEU A 162 -12.70 -5.78 4.41
N GLU A 163 -13.91 -6.34 4.43
CA GLU A 163 -14.62 -6.72 3.23
C GLU A 163 -14.63 -5.57 2.23
N LYS A 164 -14.63 -4.34 2.73
CA LYS A 164 -14.60 -3.16 1.88
C LYS A 164 -13.20 -2.93 1.27
N MET A 165 -12.16 -3.22 2.05
CA MET A 165 -10.82 -3.13 1.55
C MET A 165 -10.57 -4.18 0.52
N ASN A 166 -10.89 -5.42 0.90
CA ASN A 166 -10.79 -6.51 -0.04
C ASN A 166 -11.97 -7.42 0.15
N VAL A 167 -12.82 -7.53 -0.86
CA VAL A 167 -13.83 -8.55 -0.78
C VAL A 167 -13.35 -9.93 -1.11
N GLN A 168 -12.55 -10.02 -2.14
CA GLN A 168 -12.11 -11.34 -2.62
C GLN A 168 -11.64 -12.22 -1.48
N LEU A 169 -10.73 -11.68 -0.66
CA LEU A 169 -10.19 -12.41 0.47
C LEU A 169 -11.25 -12.76 1.50
N MET A 170 -12.29 -11.93 1.63
CA MET A 170 -13.38 -12.21 2.56
C MET A 170 -14.27 -13.35 2.11
N ASP A 171 -14.56 -13.41 0.82
CA ASP A 171 -15.30 -14.53 0.25
C ASP A 171 -14.56 -15.82 0.53
N GLU A 172 -13.28 -15.84 0.12
CA GLU A 172 -12.34 -16.93 0.39
C GLU A 172 -12.40 -17.40 1.83
N LEU A 173 -12.31 -16.45 2.76
CA LEU A 173 -12.32 -16.72 4.19
C LEU A 173 -13.65 -17.31 4.66
N PHE A 174 -14.74 -16.83 4.09
CA PHE A 174 -16.05 -17.32 4.50
C PHE A 174 -16.39 -18.67 3.88
N ASN A 175 -15.63 -19.05 2.85
CA ASN A 175 -15.66 -20.42 2.35
C ASN A 175 -15.07 -21.39 3.37
N LEU A 176 -13.89 -21.05 3.89
CA LEU A 176 -13.24 -21.87 4.92
C LEU A 176 -14.15 -22.08 6.13
N LEU A 177 -14.90 -21.04 6.48
CA LEU A 177 -15.85 -21.13 7.59
C LEU A 177 -17.00 -22.07 7.23
N ARG A 178 -17.51 -21.97 6.00
CA ARG A 178 -18.55 -22.87 5.52
C ARG A 178 -18.03 -24.30 5.52
N ASP A 179 -16.80 -24.47 5.02
CA ASP A 179 -16.17 -25.79 4.94
C ASP A 179 -15.97 -26.40 6.33
N GLY A 180 -15.52 -25.59 7.26
CA GLY A 180 -15.33 -26.10 8.59
C GLY A 180 -16.65 -26.58 9.14
N PHE A 181 -17.71 -25.84 8.90
CA PHE A 181 -18.98 -26.27 9.42
C PHE A 181 -19.48 -27.54 8.80
N LEU A 182 -19.44 -27.57 7.48
CA LEU A 182 -19.98 -28.71 6.73
C LEU A 182 -19.19 -29.99 6.86
N LEU A 183 -17.89 -29.84 6.88
CA LEU A 183 -16.98 -30.94 6.88
C LEU A 183 -16.26 -31.27 8.18
N GLN A 184 -15.81 -30.27 8.90
CA GLN A 184 -14.98 -30.55 10.06
C GLN A 184 -15.71 -31.31 11.12
N GLU A 185 -15.00 -32.24 11.72
CA GLU A 185 -15.60 -33.11 12.74
C GLU A 185 -15.69 -32.51 14.14
N ASP A 186 -14.55 -32.11 14.69
CA ASP A 186 -14.47 -31.72 16.10
C ASP A 186 -14.52 -30.21 16.35
N LEU A 187 -15.71 -29.73 16.67
CA LEU A 187 -15.92 -28.34 17.02
C LEU A 187 -16.67 -28.24 18.32
N SER A 188 -16.25 -27.33 19.18
CA SER A 188 -16.84 -27.22 20.48
C SER A 188 -18.25 -26.83 20.29
N SER A 189 -19.07 -27.07 21.30
CA SER A 189 -20.47 -26.79 21.12
C SER A 189 -20.62 -25.33 20.80
N MET A 190 -19.96 -24.46 21.55
CA MET A 190 -20.06 -23.07 21.21
C MET A 190 -19.44 -22.94 19.87
N GLY A 191 -18.27 -23.52 19.73
CA GLY A 191 -17.59 -23.42 18.44
C GLY A 191 -18.55 -23.42 17.27
N ARG A 192 -19.46 -24.39 17.27
CA ARG A 192 -20.49 -24.51 16.23
C ARG A 192 -21.50 -23.36 16.27
N LEU A 193 -21.85 -22.92 17.48
CA LEU A 193 -22.86 -21.88 17.68
C LEU A 193 -22.35 -20.49 17.30
N LEU A 194 -21.10 -20.21 17.65
CA LEU A 194 -20.44 -18.94 17.35
C LEU A 194 -20.20 -18.74 15.85
N LEU A 195 -20.10 -19.86 15.12
CA LEU A 195 -19.84 -19.84 13.68
C LEU A 195 -21.08 -19.55 12.85
N LEU A 196 -22.20 -20.16 13.21
CA LEU A 196 -23.44 -19.93 12.48
C LEU A 196 -23.86 -18.47 12.63
N GLU A 197 -23.79 -17.96 13.86
CA GLU A 197 -24.09 -16.56 14.12
C GLU A 197 -23.38 -15.67 13.10
N ILE A 198 -22.07 -15.82 13.00
CA ILE A 198 -21.28 -14.96 12.10
C ILE A 198 -21.58 -15.18 10.63
N LEU A 199 -21.99 -16.39 10.26
CA LEU A 199 -22.40 -16.67 8.90
C LEU A 199 -23.68 -15.89 8.57
N GLU A 200 -24.55 -15.75 9.56
CA GLU A 200 -25.79 -15.00 9.43
C GLU A 200 -25.52 -13.49 9.53
N PHE A 201 -24.58 -13.12 10.39
CA PHE A 201 -24.15 -11.73 10.55
C PHE A 201 -23.75 -11.12 9.21
N ARG A 202 -22.90 -11.83 8.45
CA ARG A 202 -22.44 -11.35 7.16
C ARG A 202 -23.55 -11.40 6.13
N ALA A 203 -24.36 -12.45 6.17
CA ALA A 203 -25.45 -12.59 5.22
C ALA A 203 -26.43 -11.42 5.30
N GLY A 204 -26.63 -10.87 6.49
CA GLY A 204 -27.50 -9.72 6.71
C GLY A 204 -26.85 -8.39 6.36
N GLY A 205 -25.55 -8.43 6.09
CA GLY A 205 -24.78 -7.24 5.81
C GLY A 205 -24.19 -6.69 7.10
N TRP A 206 -23.47 -7.56 7.82
CA TRP A 206 -22.79 -7.20 9.07
C TRP A 206 -23.72 -6.59 10.12
N LYS A 207 -24.95 -7.09 10.11
CA LYS A 207 -26.01 -6.73 11.04
C LYS A 207 -26.63 -8.04 11.51
N LEU A 208 -27.02 -8.10 12.77
CA LEU A 208 -27.67 -9.30 13.26
C LEU A 208 -29.17 -9.11 13.35
N SER A 209 -29.91 -9.88 12.55
CA SER A 209 -31.37 -9.82 12.53
C SER A 209 -31.95 -10.08 13.92
N ASP A 210 -33.17 -9.62 14.13
CA ASP A 210 -33.81 -9.70 15.44
C ASP A 210 -34.05 -11.13 15.91
N THR A 211 -34.51 -11.99 15.01
CA THR A 211 -34.73 -13.40 15.31
C THR A 211 -33.45 -14.03 15.83
N ALA A 212 -32.36 -13.73 15.13
CA ALA A 212 -31.03 -14.21 15.51
C ALA A 212 -30.68 -13.73 16.90
N GLN A 213 -30.78 -12.44 17.13
CA GLN A 213 -30.46 -11.92 18.43
C GLN A 213 -30.97 -12.88 19.46
N LYS A 214 -32.27 -13.10 19.44
CA LYS A 214 -32.91 -13.89 20.47
C LYS A 214 -32.38 -15.28 20.52
N TYR A 215 -32.13 -15.89 19.39
CA TYR A 215 -31.68 -17.25 19.43
C TYR A 215 -30.39 -17.31 20.18
N TYR A 216 -29.51 -16.37 19.91
CA TYR A 216 -28.19 -16.44 20.51
C TYR A 216 -28.08 -15.73 21.84
N TYR A 217 -28.91 -14.74 22.08
CA TYR A 217 -28.66 -13.95 23.25
C TYR A 217 -29.64 -14.10 24.38
N SER A 218 -30.74 -14.79 24.11
CA SER A 218 -31.78 -15.00 25.12
C SER A 218 -32.07 -16.50 25.29
N GLU A 219 -31.52 -17.32 24.40
CA GLU A 219 -31.72 -18.76 24.46
C GLU A 219 -31.09 -19.35 25.72
N VAL A 220 -31.76 -20.33 26.31
CA VAL A 220 -31.27 -20.97 27.52
C VAL A 220 -31.01 -22.46 27.28
N THR A 221 -29.82 -22.92 27.67
CA THR A 221 -29.45 -24.32 27.51
C THR A 221 -29.21 -24.99 28.85
N ASP A 222 -29.82 -26.15 29.05
CA ASP A 222 -29.67 -26.90 30.29
C ASP A 222 -28.23 -27.35 30.50
N GLU B 7 -8.96 15.99 -28.31
CA GLU B 7 -8.43 16.72 -29.50
C GLU B 7 -7.07 16.15 -29.93
N ASP B 8 -6.01 16.63 -29.29
CA ASP B 8 -4.64 16.23 -29.62
C ASP B 8 -4.01 15.42 -28.49
N TYR B 9 -3.53 14.23 -28.84
CA TYR B 9 -2.81 13.34 -27.93
C TYR B 9 -1.57 12.77 -28.62
N LYS B 10 -1.19 13.40 -29.73
CA LYS B 10 -0.24 12.84 -30.73
C LYS B 10 -0.68 11.41 -31.14
N ILE B 11 -1.97 11.29 -31.47
CA ILE B 11 -2.65 10.01 -31.74
C ILE B 11 -2.18 9.31 -33.01
N GLN B 12 -1.63 10.03 -33.96
CA GLN B 12 -1.36 9.46 -35.27
C GLN B 12 -0.48 8.22 -35.15
N SER B 13 0.35 8.14 -34.12
CA SER B 13 1.45 7.20 -34.17
C SER B 13 0.89 5.83 -34.49
N PHE B 14 -0.39 5.66 -34.24
CA PHE B 14 -1.06 4.36 -34.34
C PHE B 14 -1.72 4.07 -35.69
N ASP B 15 -2.00 2.79 -35.92
CA ASP B 15 -2.83 2.30 -37.02
C ASP B 15 -4.14 3.09 -37.09
N LEU B 16 -4.60 3.36 -38.33
CA LEU B 16 -5.78 4.21 -38.57
C LEU B 16 -7.11 3.62 -38.07
N GLU B 17 -7.18 2.30 -37.95
CA GLU B 17 -8.37 1.62 -37.43
C GLU B 17 -8.26 1.33 -35.92
N THR B 18 -7.04 1.30 -35.41
CA THR B 18 -6.79 1.30 -33.97
C THR B 18 -7.17 2.67 -33.45
N GLN B 19 -6.77 3.72 -34.18
CA GLN B 19 -7.18 5.10 -33.91
C GLN B 19 -8.71 5.26 -33.82
N LYS B 20 -9.44 4.29 -34.37
CA LYS B 20 -10.90 4.23 -34.28
C LYS B 20 -11.35 3.60 -32.97
N LEU B 21 -10.61 2.58 -32.51
CA LEU B 21 -10.91 1.88 -31.26
C LEU B 21 -10.69 2.77 -30.04
N LEU B 22 -9.58 3.52 -30.06
CA LEU B 22 -9.16 4.36 -28.93
C LEU B 22 -10.05 5.57 -28.71
N LYS B 23 -10.31 6.32 -29.78
CA LYS B 23 -11.14 7.53 -29.71
C LYS B 23 -12.53 7.25 -29.16
N THR B 24 -13.09 6.11 -29.54
CA THR B 24 -14.40 5.68 -29.05
C THR B 24 -14.29 5.07 -27.65
N ALA B 25 -13.10 4.60 -27.30
CA ALA B 25 -12.84 4.09 -25.95
C ALA B 25 -12.67 5.23 -24.94
N LEU B 26 -12.44 6.44 -25.46
CA LEU B 26 -12.31 7.63 -24.61
C LEU B 26 -13.63 8.03 -23.96
N LYS B 27 -14.72 7.94 -24.71
CA LYS B 27 -16.04 8.35 -24.21
C LYS B 27 -16.80 7.15 -23.65
N ASP B 28 -16.61 6.00 -24.29
CA ASP B 28 -17.47 4.86 -24.10
C ASP B 28 -16.69 3.56 -23.86
N PRO B 29 -16.23 3.33 -22.62
CA PRO B 29 -15.49 2.11 -22.28
C PRO B 29 -16.37 0.87 -22.24
N GLY B 30 -17.66 1.05 -21.94
CA GLY B 30 -18.61 -0.07 -21.90
C GLY B 30 -18.80 -0.75 -23.25
N SER B 31 -18.59 -0.01 -24.33
CA SER B 31 -18.80 -0.51 -25.69
C SER B 31 -17.53 -1.04 -26.35
N VAL B 32 -16.41 -1.02 -25.62
CA VAL B 32 -15.13 -1.46 -26.17
C VAL B 32 -14.53 -2.56 -25.29
N ASP B 33 -13.76 -3.46 -25.91
CA ASP B 33 -13.01 -4.47 -25.18
C ASP B 33 -11.78 -3.81 -24.56
N LEU B 34 -11.87 -3.55 -23.26
CA LEU B 34 -10.83 -2.83 -22.52
C LEU B 34 -9.55 -3.65 -22.35
N GLU B 35 -9.67 -4.97 -22.52
CA GLU B 35 -8.51 -5.86 -22.47
C GLU B 35 -7.63 -5.64 -23.70
N LYS B 36 -8.27 -5.43 -24.86
CA LYS B 36 -7.56 -5.02 -26.07
C LYS B 36 -6.91 -3.66 -25.87
N VAL B 37 -7.73 -2.65 -25.58
CA VAL B 37 -7.29 -1.26 -25.44
C VAL B 37 -6.03 -1.13 -24.58
N SER B 38 -6.01 -1.83 -23.44
CA SER B 38 -4.84 -1.85 -22.56
C SER B 38 -3.64 -2.50 -23.26
N SER B 39 -3.87 -3.72 -23.78
CA SER B 39 -2.84 -4.51 -24.46
C SER B 39 -2.25 -3.77 -25.66
N VAL B 40 -3.11 -3.06 -26.39
CA VAL B 40 -2.75 -2.26 -27.54
C VAL B 40 -1.75 -1.15 -27.15
N ILE B 41 -2.10 -0.42 -26.10
CA ILE B 41 -1.30 0.73 -25.65
C ILE B 41 0.11 0.30 -25.24
N VAL B 42 0.18 -0.54 -24.22
CA VAL B 42 1.45 -1.06 -23.68
C VAL B 42 2.47 -1.44 -24.76
N ASP B 43 1.98 -2.12 -25.80
CA ASP B 43 2.84 -2.77 -26.78
C ASP B 43 3.55 -1.78 -27.71
N GLN B 44 2.83 -0.80 -28.24
CA GLN B 44 3.42 0.17 -29.18
C GLN B 44 4.24 1.22 -28.45
N SER B 45 3.81 1.57 -27.24
CA SER B 45 4.53 2.50 -26.38
C SER B 45 5.93 2.00 -26.03
N LEU B 46 6.07 0.70 -25.98
CA LEU B 46 7.37 0.17 -25.73
C LEU B 46 8.16 0.62 -26.92
N LYS B 47 7.55 0.41 -28.08
CA LYS B 47 8.20 0.75 -29.34
C LYS B 47 8.37 2.21 -29.75
N ASP B 48 7.31 3.00 -29.61
CA ASP B 48 7.38 4.35 -30.12
C ASP B 48 7.72 5.28 -29.00
N GLN B 49 8.88 5.89 -29.10
CA GLN B 49 9.35 6.62 -27.91
C GLN B 49 8.57 7.92 -27.65
N VAL B 50 8.03 8.52 -28.71
CA VAL B 50 7.20 9.72 -28.56
C VAL B 50 5.95 9.39 -27.76
N PHE B 51 5.37 8.21 -28.04
CA PHE B 51 4.20 7.71 -27.32
C PHE B 51 4.50 7.40 -25.84
N SER B 52 5.77 7.18 -25.53
CA SER B 52 6.23 6.90 -24.16
C SER B 52 6.07 8.10 -23.22
N ARG B 53 5.59 9.21 -23.78
CA ARG B 53 5.32 10.44 -23.01
C ARG B 53 3.89 11.00 -23.10
N GLU B 54 3.08 10.51 -24.04
CA GLU B 54 1.73 10.98 -24.24
C GLU B 54 0.66 9.99 -23.83
N ALA B 55 1.09 8.81 -23.42
CA ALA B 55 0.15 7.73 -23.14
C ALA B 55 -0.54 7.92 -21.81
N GLY B 56 0.21 8.46 -20.84
CA GLY B 56 -0.32 8.84 -19.54
C GLY B 56 -1.65 9.56 -19.67
N ARG B 57 -1.64 10.71 -20.36
CA ARG B 57 -2.83 11.54 -20.56
C ARG B 57 -4.04 10.69 -20.95
N ILE B 58 -3.82 9.77 -21.88
CA ILE B 58 -4.86 8.93 -22.46
C ILE B 58 -5.37 7.90 -21.45
N CYS B 59 -4.43 7.20 -20.82
CA CYS B 59 -4.73 6.16 -19.83
C CYS B 59 -5.61 6.69 -18.69
N TYR B 60 -5.27 7.88 -18.19
CA TYR B 60 -6.02 8.50 -17.10
C TYR B 60 -7.46 8.76 -17.52
N THR B 61 -7.62 9.57 -18.56
CA THR B 61 -8.94 9.97 -19.06
C THR B 61 -9.88 8.78 -19.34
N ILE B 62 -9.29 7.62 -19.63
CA ILE B 62 -10.07 6.38 -19.80
C ILE B 62 -10.60 5.88 -18.46
N VAL B 63 -9.74 5.86 -17.43
CA VAL B 63 -10.15 5.42 -16.08
C VAL B 63 -11.23 6.34 -15.52
N GLN B 64 -11.14 7.63 -15.89
CA GLN B 64 -12.14 8.65 -15.54
C GLN B 64 -13.48 8.35 -16.18
N ALA B 65 -13.43 7.88 -17.43
CA ALA B 65 -14.65 7.51 -18.16
C ALA B 65 -15.29 6.27 -17.55
N GLU B 66 -14.49 5.24 -17.30
CA GLU B 66 -15.01 3.99 -16.72
C GLU B 66 -15.52 4.21 -15.29
N ALA B 67 -14.96 5.17 -14.58
CA ALA B 67 -15.55 5.50 -13.33
C ALA B 67 -16.93 6.05 -13.62
N LYS B 68 -17.00 6.95 -14.59
CA LYS B 68 -18.27 7.61 -14.89
C LYS B 68 -19.34 6.72 -15.47
N GLN B 69 -18.97 5.94 -16.47
CA GLN B 69 -19.85 5.03 -17.16
C GLN B 69 -20.17 3.70 -16.50
N THR B 70 -19.16 2.94 -16.13
CA THR B 70 -19.40 1.67 -15.48
C THR B 70 -19.18 1.81 -14.01
N ASN B 71 -18.78 3.00 -13.60
CA ASN B 71 -18.54 3.23 -12.20
C ASN B 71 -17.58 2.20 -11.68
N GLY B 72 -16.58 1.87 -12.47
CA GLY B 72 -15.61 0.87 -12.06
C GLY B 72 -14.31 0.93 -12.83
N SER B 73 -13.28 0.28 -12.31
CA SER B 73 -12.06 0.20 -13.08
C SER B 73 -11.77 -1.22 -13.41
N VAL B 74 -11.82 -1.59 -14.67
CA VAL B 74 -11.41 -2.91 -15.02
C VAL B 74 -10.25 -2.70 -15.93
N PHE B 75 -10.36 -1.62 -16.66
CA PHE B 75 -9.29 -1.21 -17.56
C PHE B 75 -7.99 -1.03 -16.78
N ARG B 76 -8.11 -0.44 -15.60
CA ARG B 76 -6.93 -0.17 -14.78
C ARG B 76 -6.25 -1.47 -14.34
N ARG B 77 -7.04 -2.51 -14.06
CA ARG B 77 -6.48 -3.82 -13.72
C ARG B 77 -5.67 -4.40 -14.86
N ASN B 78 -6.26 -4.39 -16.05
CA ASN B 78 -5.61 -4.92 -17.25
C ASN B 78 -4.32 -4.15 -17.58
N LEU B 79 -4.39 -2.81 -17.48
CA LEU B 79 -3.25 -1.95 -17.77
C LEU B 79 -2.09 -2.13 -16.78
N LEU B 80 -2.40 -2.28 -15.51
CA LEU B 80 -1.39 -2.46 -14.48
C LEU B 80 -0.77 -3.87 -14.50
N ASN B 81 -1.62 -4.88 -14.70
CA ASN B 81 -1.17 -6.25 -14.85
C ASN B 81 -0.25 -6.39 -16.06
N ARG B 82 -0.70 -5.84 -17.18
CA ARG B 82 0.05 -5.79 -18.42
C ARG B 82 1.43 -5.14 -18.21
N LEU B 83 1.45 -4.08 -17.42
CA LEU B 83 2.66 -3.29 -17.21
C LEU B 83 3.59 -3.89 -16.15
N GLN B 84 3.02 -4.57 -15.16
CA GLN B 84 3.82 -5.20 -14.11
C GLN B 84 4.58 -6.38 -14.69
N GLN B 85 3.93 -7.07 -15.63
CA GLN B 85 4.57 -8.11 -16.42
C GLN B 85 5.84 -7.54 -17.06
N GLU B 86 5.67 -6.58 -17.96
CA GLU B 86 6.78 -5.95 -18.69
C GLU B 86 7.86 -5.40 -17.76
N PHE B 87 7.44 -4.94 -16.58
CA PHE B 87 8.36 -4.49 -15.54
C PHE B 87 9.18 -5.63 -14.97
N LYS B 88 8.54 -6.73 -14.64
CA LYS B 88 9.28 -7.81 -14.05
C LYS B 88 10.31 -8.23 -15.05
N ALA B 89 9.91 -8.34 -16.30
CA ALA B 89 10.82 -8.72 -17.34
C ALA B 89 11.48 -7.51 -17.90
N ARG B 90 12.29 -6.84 -17.11
CA ARG B 90 12.95 -5.65 -17.65
C ARG B 90 14.42 -5.91 -17.93
N GLU B 91 15.07 -6.69 -17.06
CA GLU B 91 16.49 -6.99 -17.19
C GLU B 91 16.75 -7.79 -18.46
N GLU B 92 15.76 -8.59 -18.87
CA GLU B 92 15.83 -9.29 -20.16
C GLU B 92 15.64 -8.32 -21.34
N THR B 93 14.82 -7.29 -21.14
CA THR B 93 14.53 -6.30 -22.17
C THR B 93 15.68 -5.30 -22.31
N ARG B 94 16.49 -5.18 -21.26
CA ARG B 94 17.65 -4.30 -21.25
C ARG B 94 18.77 -4.91 -22.10
N LYS B 95 18.87 -6.24 -22.07
CA LYS B 95 19.81 -6.98 -22.92
C LYS B 95 19.32 -6.92 -24.36
N ARG B 96 18.05 -7.28 -24.55
CA ARG B 96 17.40 -7.28 -25.86
C ARG B 96 17.47 -5.94 -26.58
N SER B 97 17.27 -4.85 -25.84
CA SER B 97 17.36 -3.51 -26.41
C SER B 97 17.60 -2.44 -25.35
N THR B 98 18.13 -1.30 -25.78
CA THR B 98 18.24 -0.13 -24.93
C THR B 98 17.04 0.75 -25.25
N GLN B 99 16.77 0.92 -26.54
CA GLN B 99 15.57 1.60 -27.03
C GLN B 99 14.30 1.11 -26.33
N GLU B 100 14.12 -0.20 -26.26
CA GLU B 100 12.95 -0.82 -25.62
C GLU B 100 12.96 -0.66 -24.10
N TRP B 101 14.16 -0.65 -23.52
CA TRP B 101 14.35 -0.46 -22.09
C TRP B 101 14.02 0.96 -21.64
N VAL B 102 14.69 1.94 -22.27
CA VAL B 102 14.41 3.36 -22.05
C VAL B 102 12.94 3.69 -22.31
N CYS B 103 12.33 3.07 -23.32
CA CYS B 103 10.91 3.29 -23.62
C CYS B 103 9.98 2.88 -22.48
N LEU B 104 10.31 1.76 -21.83
CA LEU B 104 9.51 1.21 -20.74
C LEU B 104 9.56 2.10 -19.51
N VAL B 105 10.78 2.42 -19.08
CA VAL B 105 11.02 3.34 -17.98
C VAL B 105 10.28 4.66 -18.25
N SER B 106 10.56 5.27 -19.41
CA SER B 106 9.84 6.47 -19.84
C SER B 106 8.34 6.33 -19.64
N PHE B 107 7.81 5.16 -19.98
CA PHE B 107 6.36 4.93 -19.93
C PHE B 107 5.82 4.73 -18.51
N ILE B 108 6.53 3.98 -17.68
CA ILE B 108 6.13 3.78 -16.28
C ILE B 108 6.03 5.13 -15.55
N CYS B 109 7.07 5.95 -15.67
CA CYS B 109 7.08 7.28 -15.07
C CYS B 109 5.92 8.13 -15.58
N ASN B 110 5.74 8.13 -16.89
CA ASN B 110 4.66 8.87 -17.51
C ASN B 110 3.33 8.46 -16.91
N ILE B 111 3.19 7.18 -16.59
CA ILE B 111 1.97 6.64 -15.97
C ILE B 111 1.82 7.17 -14.55
N PHE B 112 2.83 6.92 -13.73
CA PHE B 112 2.83 7.36 -12.33
C PHE B 112 2.38 8.82 -12.22
N ASP B 113 2.81 9.62 -13.18
CA ASP B 113 2.61 11.07 -13.19
C ASP B 113 1.17 11.46 -13.41
N TYR B 114 0.50 10.81 -14.36
CA TYR B 114 -0.88 11.18 -14.72
C TYR B 114 -1.94 10.29 -14.08
N LEU B 115 -1.68 8.98 -14.00
CA LEU B 115 -2.67 8.02 -13.48
C LEU B 115 -2.77 8.06 -11.96
N LYS B 116 -3.93 8.47 -11.46
CA LYS B 116 -4.11 8.73 -10.04
C LYS B 116 -5.30 7.98 -9.46
N VAL B 117 -5.24 7.76 -8.15
CA VAL B 117 -6.28 7.05 -7.43
C VAL B 117 -6.93 8.06 -6.50
N ASN B 118 -8.21 8.35 -6.73
CA ASN B 118 -8.86 9.47 -6.07
C ASN B 118 -7.91 10.67 -6.00
N ASN B 119 -7.43 11.04 -7.18
CA ASN B 119 -6.57 12.19 -7.38
C ASN B 119 -5.32 12.16 -6.56
N MET B 120 -4.79 10.99 -6.28
CA MET B 120 -3.54 10.90 -5.58
C MET B 120 -2.66 9.87 -6.20
N PRO B 121 -1.36 10.12 -6.18
CA PRO B 121 -0.39 9.21 -6.81
C PRO B 121 -0.50 7.77 -6.30
N MET B 122 -0.36 6.81 -7.21
CA MET B 122 -0.43 5.39 -6.87
C MET B 122 0.81 4.92 -6.10
N VAL B 123 0.61 4.49 -4.86
CA VAL B 123 1.74 4.05 -4.03
C VAL B 123 2.41 2.85 -4.68
N ALA B 124 1.60 2.00 -5.29
CA ALA B 124 2.06 0.78 -5.95
C ALA B 124 3.28 0.94 -6.85
N LEU B 125 3.43 2.14 -7.44
CA LEU B 125 4.47 2.39 -8.44
C LEU B 125 5.73 3.08 -7.92
N VAL B 126 5.73 3.47 -6.65
CA VAL B 126 6.87 4.20 -6.10
C VAL B 126 8.13 3.33 -6.17
N HIS B 127 8.12 2.19 -5.49
CA HIS B 127 9.28 1.29 -5.47
C HIS B 127 9.71 0.78 -6.86
N PRO B 128 8.75 0.41 -7.73
CA PRO B 128 9.05 0.14 -9.14
C PRO B 128 9.84 1.26 -9.83
N VAL B 129 9.25 2.45 -9.93
CA VAL B 129 9.92 3.61 -10.54
C VAL B 129 11.33 3.81 -9.97
N TYR B 130 11.46 3.78 -8.65
CA TYR B 130 12.77 3.90 -8.02
C TYR B 130 13.70 2.75 -8.41
N ASP B 131 13.13 1.57 -8.64
CA ASP B 131 13.93 0.42 -9.09
C ASP B 131 14.50 0.67 -10.48
N CYS B 132 13.69 1.26 -11.36
CA CYS B 132 14.14 1.65 -12.71
C CYS B 132 15.26 2.68 -12.65
N LEU B 133 15.06 3.72 -11.85
CA LEU B 133 15.98 4.82 -11.79
C LEU B 133 17.30 4.38 -11.16
N PHE B 134 17.23 3.39 -10.30
CA PHE B 134 18.43 2.83 -9.66
C PHE B 134 19.24 2.02 -10.65
N ARG B 135 18.53 1.30 -11.53
CA ARG B 135 19.16 0.55 -12.59
C ARG B 135 19.90 1.50 -13.54
N LEU B 136 19.24 2.58 -13.95
CA LEU B 136 19.84 3.57 -14.85
C LEU B 136 21.05 4.28 -14.24
N ALA B 137 21.17 4.20 -12.91
CA ALA B 137 22.23 4.87 -12.19
C ALA B 137 23.43 3.96 -11.92
N GLN B 138 23.38 2.76 -12.49
CA GLN B 138 24.45 1.77 -12.37
C GLN B 138 25.66 2.19 -13.22
N SER B 139 26.82 1.63 -12.89
CA SER B 139 28.05 1.98 -13.60
C SER B 139 27.95 1.64 -15.08
N ASP B 140 27.37 0.48 -15.39
CA ASP B 140 27.14 0.09 -16.78
C ASP B 140 26.23 1.06 -17.54
N ALA B 141 25.09 1.42 -16.93
CA ALA B 141 24.08 2.23 -17.61
C ALA B 141 24.48 3.69 -17.82
N LEU B 142 25.31 4.20 -16.92
CA LEU B 142 25.78 5.59 -16.99
C LEU B 142 26.75 5.84 -18.15
N LYS B 143 27.33 4.76 -18.68
CA LYS B 143 28.11 4.80 -19.91
C LYS B 143 27.19 5.24 -21.05
N ASN B 144 26.16 4.43 -21.30
CA ASN B 144 25.25 4.62 -22.43
C ASN B 144 24.39 5.89 -22.32
N GLU B 145 24.67 6.84 -23.20
CA GLU B 145 24.06 8.15 -23.14
C GLU B 145 22.64 8.17 -23.74
N GLU B 146 22.11 6.99 -24.05
CA GLU B 146 20.68 6.84 -24.31
C GLU B 146 19.96 6.77 -22.97
N GLU B 147 20.61 6.12 -22.01
CA GLU B 147 20.04 5.83 -20.69
C GLU B 147 20.19 6.96 -19.69
N VAL B 148 21.26 7.72 -19.81
CA VAL B 148 21.44 8.92 -18.98
C VAL B 148 20.45 10.00 -19.41
N ASP B 149 20.27 10.15 -20.73
CA ASP B 149 19.18 10.96 -21.27
C ASP B 149 17.89 10.68 -20.52
N CYS B 150 17.54 9.39 -20.46
CA CYS B 150 16.31 8.91 -19.83
C CYS B 150 16.23 9.23 -18.33
N LEU B 151 17.32 8.94 -17.60
CA LEU B 151 17.36 9.15 -16.16
C LEU B 151 16.99 10.58 -15.79
N VAL B 152 17.62 11.55 -16.47
CA VAL B 152 17.43 12.95 -16.15
C VAL B 152 16.14 13.55 -16.72
N LEU B 153 15.55 12.90 -17.71
CA LEU B 153 14.27 13.39 -18.25
C LEU B 153 13.13 13.08 -17.29
N GLN B 154 13.32 12.04 -16.48
CA GLN B 154 12.33 11.66 -15.50
C GLN B 154 12.48 12.54 -14.26
N LEU B 155 13.70 12.66 -13.75
CA LEU B 155 13.98 13.46 -12.58
C LEU B 155 13.65 14.93 -12.77
N HIS B 156 13.45 15.32 -14.03
CA HIS B 156 13.05 16.69 -14.36
C HIS B 156 11.56 16.91 -14.16
N ARG B 157 10.76 15.88 -14.40
CA ARG B 157 9.33 16.02 -14.22
C ARG B 157 8.65 15.17 -13.14
N ILE B 158 9.34 14.24 -12.53
CA ILE B 158 8.71 13.55 -11.42
C ILE B 158 9.58 13.39 -10.20
N GLY B 159 10.72 14.03 -10.19
CA GLY B 159 11.59 13.96 -9.04
C GLY B 159 10.87 14.57 -7.88
N ASP B 160 10.12 15.60 -8.19
CA ASP B 160 9.53 16.41 -7.18
C ASP B 160 8.62 15.59 -6.32
N GLN B 161 7.78 14.78 -6.93
CA GLN B 161 6.79 14.02 -6.19
C GLN B 161 7.37 12.74 -5.60
N LEU B 162 8.41 12.22 -6.24
CA LEU B 162 9.05 11.00 -5.79
C LEU B 162 9.77 11.20 -4.46
N GLU B 163 10.51 12.30 -4.35
CA GLU B 163 11.15 12.67 -3.09
C GLU B 163 10.09 12.77 -2.01
N LYS B 164 8.98 13.44 -2.33
CA LYS B 164 7.85 13.61 -1.42
C LYS B 164 7.28 12.26 -0.98
N MET B 165 7.24 11.30 -1.91
CA MET B 165 6.78 9.94 -1.60
C MET B 165 7.77 9.20 -0.71
N ASN B 166 9.05 9.27 -1.05
CA ASN B 166 10.09 8.62 -0.26
C ASN B 166 11.39 9.37 -0.42
N VAL B 167 11.88 9.95 0.67
CA VAL B 167 13.09 10.77 0.62
C VAL B 167 14.36 9.91 0.67
N GLN B 168 14.34 8.85 1.47
CA GLN B 168 15.52 7.99 1.66
C GLN B 168 16.00 7.38 0.36
N LEU B 169 15.06 6.91 -0.44
CA LEU B 169 15.37 6.33 -1.74
C LEU B 169 15.99 7.40 -2.64
N MET B 170 15.34 8.56 -2.71
CA MET B 170 15.86 9.70 -3.47
C MET B 170 17.27 10.08 -3.00
N ASP B 171 17.47 10.05 -1.68
CA ASP B 171 18.79 10.28 -1.12
C ASP B 171 19.81 9.28 -1.62
N GLU B 172 19.42 8.01 -1.70
CA GLU B 172 20.31 6.94 -2.17
C GLU B 172 20.61 7.08 -3.65
N LEU B 173 19.57 7.37 -4.43
CA LEU B 173 19.71 7.63 -5.86
C LEU B 173 20.73 8.72 -6.13
N PHE B 174 20.62 9.82 -5.41
CA PHE B 174 21.53 10.94 -5.61
C PHE B 174 22.88 10.70 -4.95
N ASN B 175 22.93 9.77 -4.01
CA ASN B 175 24.21 9.27 -3.52
C ASN B 175 24.93 8.43 -4.56
N LEU B 176 24.17 7.74 -5.41
CA LEU B 176 24.75 6.99 -6.53
C LEU B 176 25.30 7.91 -7.61
N LEU B 177 24.51 8.93 -7.98
CA LEU B 177 24.90 9.87 -9.03
C LEU B 177 26.16 10.62 -8.65
N ARG B 178 26.28 10.98 -7.37
CA ARG B 178 27.47 11.63 -6.83
C ARG B 178 28.68 10.70 -6.92
N ASP B 179 28.46 9.43 -6.57
CA ASP B 179 29.50 8.41 -6.70
C ASP B 179 29.88 8.25 -8.18
N GLY B 180 28.86 8.16 -9.03
CA GLY B 180 29.05 7.96 -10.47
C GLY B 180 29.75 9.11 -11.15
N PHE B 181 29.96 10.18 -10.40
CA PHE B 181 30.59 11.38 -10.93
C PHE B 181 32.04 11.42 -10.46
N LEU B 182 32.24 11.26 -9.15
CA LEU B 182 33.58 11.14 -8.61
C LEU B 182 34.20 9.79 -8.99
N LEU B 183 33.47 8.72 -8.83
CA LEU B 183 34.07 7.44 -9.12
C LEU B 183 34.40 7.05 -10.56
N GLN B 184 33.51 7.31 -11.49
CA GLN B 184 33.64 6.69 -12.79
C GLN B 184 34.76 7.16 -13.67
N GLU B 185 35.57 6.21 -14.09
CA GLU B 185 36.66 6.45 -15.03
C GLU B 185 36.20 6.84 -16.42
N ASP B 186 35.18 6.16 -16.95
CA ASP B 186 34.69 6.52 -18.25
C ASP B 186 33.24 6.87 -18.16
N LEU B 187 32.94 8.15 -18.28
CA LEU B 187 31.58 8.62 -18.24
C LEU B 187 31.35 9.47 -19.43
N SER B 188 30.22 9.31 -20.10
CA SER B 188 30.00 10.02 -21.37
C SER B 188 30.20 11.53 -21.24
N SER B 189 30.87 12.12 -22.24
CA SER B 189 31.29 13.52 -22.17
C SER B 189 30.11 14.43 -21.83
N MET B 190 29.03 14.26 -22.59
CA MET B 190 27.80 15.01 -22.38
C MET B 190 26.90 14.31 -21.36
N GLY B 191 27.27 13.10 -20.96
CA GLY B 191 26.62 12.40 -19.86
C GLY B 191 27.03 13.05 -18.55
N ARG B 192 28.31 13.40 -18.48
CA ARG B 192 28.88 14.18 -17.40
C ARG B 192 28.18 15.54 -17.26
N LEU B 193 27.76 16.11 -18.38
CA LEU B 193 27.05 17.39 -18.39
C LEU B 193 25.65 17.26 -17.78
N LEU B 194 24.91 16.25 -18.24
CA LEU B 194 23.51 16.08 -17.84
C LEU B 194 23.34 15.68 -16.38
N LEU B 195 24.35 15.04 -15.81
CA LEU B 195 24.33 14.72 -14.38
C LEU B 195 24.50 15.96 -13.52
N LEU B 196 25.65 16.63 -13.67
CA LEU B 196 25.90 17.85 -12.92
C LEU B 196 24.69 18.76 -12.94
N GLU B 197 24.02 18.84 -14.09
CA GLU B 197 22.82 19.69 -14.21
C GLU B 197 21.70 19.35 -13.21
N ILE B 198 21.37 18.07 -13.04
CA ILE B 198 20.35 17.69 -12.04
C ILE B 198 20.87 17.71 -10.61
N LEU B 199 22.11 17.29 -10.40
CA LEU B 199 22.71 17.40 -9.07
C LEU B 199 22.51 18.82 -8.51
N GLU B 200 22.56 19.81 -9.41
CA GLU B 200 22.25 21.20 -9.10
C GLU B 200 20.75 21.39 -9.01
N PHE B 201 20.03 20.90 -10.02
CA PHE B 201 18.58 21.04 -10.09
C PHE B 201 17.90 20.67 -8.78
N ARG B 202 18.25 19.51 -8.24
CA ARG B 202 17.69 19.05 -6.98
C ARG B 202 18.20 19.88 -5.82
N ALA B 203 19.50 20.13 -5.77
CA ALA B 203 20.10 20.89 -4.67
C ALA B 203 19.46 22.25 -4.52
N GLY B 204 18.92 22.79 -5.61
CA GLY B 204 18.17 24.03 -5.58
C GLY B 204 16.67 23.83 -5.44
N GLY B 205 16.29 22.68 -4.90
CA GLY B 205 14.88 22.35 -4.67
C GLY B 205 14.09 22.18 -5.96
N TRP B 206 14.57 21.29 -6.82
CA TRP B 206 13.91 20.95 -8.10
C TRP B 206 13.52 22.20 -8.93
N LYS B 207 14.40 23.19 -8.91
CA LYS B 207 14.33 24.36 -9.77
C LYS B 207 15.70 24.52 -10.39
N LEU B 208 15.73 24.94 -11.65
CA LEU B 208 16.98 25.30 -12.29
C LEU B 208 17.22 26.81 -12.18
N SER B 209 18.23 27.18 -11.40
CA SER B 209 18.58 28.59 -11.20
C SER B 209 18.81 29.32 -12.53
N ASP B 210 18.59 30.63 -12.53
CA ASP B 210 18.74 31.42 -13.73
C ASP B 210 20.16 31.35 -14.32
N THR B 211 21.17 31.44 -13.44
CA THR B 211 22.57 31.35 -13.87
C THR B 211 22.93 29.99 -14.45
N ALA B 212 22.30 28.94 -13.94
CA ALA B 212 22.54 27.58 -14.43
C ALA B 212 21.83 27.36 -15.76
N GLN B 213 20.68 28.01 -15.92
CA GLN B 213 19.91 27.92 -17.15
C GLN B 213 20.69 28.47 -18.34
N LYS B 214 21.41 29.57 -18.14
CA LYS B 214 22.31 30.12 -19.18
C LYS B 214 23.43 29.17 -19.59
N TYR B 215 24.15 28.64 -18.60
CA TYR B 215 25.27 27.73 -18.85
C TYR B 215 24.88 26.55 -19.74
N TYR B 216 23.95 25.73 -19.25
CA TYR B 216 23.60 24.47 -19.94
C TYR B 216 22.75 24.64 -21.20
N TYR B 217 22.28 25.85 -21.49
CA TYR B 217 21.38 26.05 -22.62
C TYR B 217 21.78 27.22 -23.50
N ALA C 2 14.27 -1.71 5.18
CA ALA C 2 13.01 -0.97 4.87
C ALA C 2 12.45 -1.38 3.51
N THR C 3 12.39 -2.70 3.27
CA THR C 3 11.97 -3.24 1.96
C THR C 3 10.47 -3.62 1.89
N ASP C 4 10.02 -4.49 2.80
CA ASP C 4 8.60 -4.81 2.95
C ASP C 4 8.02 -4.14 4.20
N SER C 5 8.80 -3.21 4.75
CA SER C 5 8.49 -2.49 5.99
C SER C 5 7.06 -1.92 6.05
N TRP C 6 6.32 -2.33 7.07
CA TRP C 6 5.00 -1.80 7.36
C TRP C 6 5.07 -0.29 7.58
N ALA C 7 6.00 0.12 8.44
CA ALA C 7 6.18 1.52 8.79
C ALA C 7 6.42 2.37 7.53
N GLN C 8 7.16 1.80 6.58
CA GLN C 8 7.44 2.45 5.28
C GLN C 8 6.17 2.59 4.44
N ALA C 9 5.40 1.51 4.37
CA ALA C 9 4.19 1.42 3.55
C ALA C 9 3.13 2.40 4.00
N VAL C 10 3.12 2.68 5.30
CA VAL C 10 2.19 3.62 5.88
C VAL C 10 2.68 5.05 5.60
N ASP C 11 3.96 5.30 5.85
CA ASP C 11 4.57 6.60 5.53
C ASP C 11 4.24 7.03 4.11
N GLU C 12 4.22 6.05 3.20
CA GLU C 12 3.97 6.30 1.79
C GLU C 12 2.49 6.54 1.51
N GLN C 13 1.63 5.94 2.32
CA GLN C 13 0.19 6.17 2.19
C GLN C 13 -0.14 7.59 2.62
N GLU C 14 0.47 8.02 3.71
CA GLU C 14 0.33 9.38 4.21
C GLU C 14 0.74 10.39 3.14
N ALA C 15 1.98 10.28 2.65
CA ALA C 15 2.51 11.16 1.60
C ALA C 15 1.72 11.12 0.28
N ALA C 16 1.17 9.96 -0.04
CA ALA C 16 0.31 9.83 -1.21
C ALA C 16 -0.93 10.71 -1.06
N ALA C 17 -1.36 10.89 0.18
CA ALA C 17 -2.49 11.76 0.49
C ALA C 17 -2.06 13.20 0.71
N GLU C 18 -0.85 13.42 1.23
CA GLU C 18 -0.29 14.77 1.41
C GLU C 18 -0.28 15.56 0.10
N SER C 19 0.07 14.88 -1.00
CA SER C 19 -0.23 15.39 -2.31
C SER C 19 -1.75 15.22 -2.51
N ILE C 20 -2.46 16.32 -2.75
CA ILE C 20 -3.93 16.34 -2.65
C ILE C 20 -4.61 15.55 -3.76
N ALA D 2 -5.85 -10.71 -7.98
CA ALA D 2 -4.41 -10.88 -8.06
C ALA D 2 -3.85 -10.94 -6.66
N THR D 3 -2.98 -11.92 -6.41
CA THR D 3 -2.41 -12.10 -5.09
C THR D 3 -1.50 -10.98 -4.56
N ASP D 4 -0.52 -10.57 -5.35
CA ASP D 4 0.34 -9.43 -5.00
C ASP D 4 0.37 -8.34 -6.06
N SER D 5 -0.59 -8.39 -6.97
CA SER D 5 -0.62 -7.54 -8.13
C SER D 5 -0.74 -6.11 -7.77
N TRP D 6 -0.16 -5.24 -8.57
CA TRP D 6 -0.27 -3.85 -8.26
C TRP D 6 -1.73 -3.50 -8.33
N ALA D 7 -2.37 -3.90 -9.40
CA ALA D 7 -3.78 -3.60 -9.56
C ALA D 7 -4.60 -3.91 -8.32
N GLN D 8 -4.13 -4.89 -7.53
CA GLN D 8 -4.75 -5.22 -6.25
C GLN D 8 -4.40 -4.16 -5.20
N ALA D 9 -3.13 -3.76 -5.17
CA ALA D 9 -2.64 -2.77 -4.18
C ALA D 9 -3.20 -1.37 -4.40
N VAL D 10 -3.54 -1.06 -5.65
CA VAL D 10 -4.14 0.21 -5.99
C VAL D 10 -5.61 0.23 -5.56
N ASP D 11 -6.32 -0.87 -5.84
CA ASP D 11 -7.71 -1.02 -5.39
C ASP D 11 -7.85 -0.70 -3.92
N GLU D 12 -6.90 -1.22 -3.14
CA GLU D 12 -6.90 -1.08 -1.69
C GLU D 12 -6.52 0.33 -1.24
N GLN D 13 -5.71 1.02 -2.02
CA GLN D 13 -5.40 2.42 -1.76
C GLN D 13 -6.63 3.28 -2.06
N GLU D 14 -7.42 2.84 -3.04
CA GLU D 14 -8.64 3.55 -3.43
C GLU D 14 -9.70 3.31 -2.39
N ALA D 15 -9.93 2.04 -2.06
CA ALA D 15 -10.94 1.66 -1.08
C ALA D 15 -10.65 2.28 0.28
N ALA D 16 -9.37 2.41 0.61
CA ALA D 16 -8.96 3.09 1.84
C ALA D 16 -9.49 4.52 1.86
N ALA D 17 -9.25 5.25 0.77
CA ALA D 17 -9.67 6.65 0.63
C ALA D 17 -11.20 6.84 0.66
N GLU D 18 -11.95 5.82 0.29
CA GLU D 18 -13.42 5.87 0.33
C GLU D 18 -13.99 5.47 1.69
N SER D 19 -13.23 5.70 2.77
CA SER D 19 -13.66 5.36 4.13
C SER D 19 -13.42 6.53 5.10
N ILE D 20 -14.28 7.57 5.00
CA ILE D 20 -14.16 8.81 5.77
C ILE D 20 -12.71 9.37 5.74
#